data_2V6F
#
_entry.id   2V6F
#
_cell.length_a   78.660
_cell.length_b   78.660
_cell.length_c   180.990
_cell.angle_alpha   90.00
_cell.angle_beta   90.00
_cell.angle_gamma   90.00
#
_symmetry.space_group_name_H-M   'P 43 21 2'
#
loop_
_entity.id
_entity.type
_entity.pdbx_description
1 polymer 'PROGESTERONE 5-BETA-REDUCTASE'
2 non-polymer 'SODIUM ION'
3 water water
#
_entity_poly.entity_id   1
_entity_poly.type   'polypeptide(L)'
_entity_poly.pdbx_seq_one_letter_code
;SSVALIVGVTGIIGNSLAEILPLADTPGGPWKVYGVARRTRPAWHEDNPINYVQCDISDPDDSQAKLSPLTDVTHVFYVT
WANRSTEQENCEANSKMFRNVLDAVIPNCPNLKHISLQTGRKHYMGPFESYGKIESHDPPYTEDLPRLKYMNFYYDLEDI
MLEEVEKKEGLTWSVHRPGNIFGFSPYSMMNLVGTLCVYAAICKHEGKVLRFTGCKAAWDGYSDCSDADLIAEHHIWAAV
DPYAKNEAFNVSNGDVFKWKHFWKVLAEQFGVECGEYEEGVDLKLQDLMKGKEPVWEEIVRENGLTPTKLKDVGIWWFGD
VILGNECFLDSMNKSKEHGFLGFRNSKNAFISWIDKAKAYKIVP
;
_entity_poly.pdbx_strand_id   A
#
loop_
_chem_comp.id
_chem_comp.type
_chem_comp.name
_chem_comp.formula
NA non-polymer 'SODIUM ION' 'Na 1'
#
# COMPACT_ATOMS: atom_id res chain seq x y z
N SER A 1 -17.94 18.83 -10.63
CA SER A 1 -17.44 17.92 -11.69
C SER A 1 -16.49 16.82 -11.14
N SER A 2 -15.25 17.16 -10.78
CA SER A 2 -14.32 16.11 -10.29
C SER A 2 -14.59 15.61 -8.84
N VAL A 3 -15.05 14.36 -8.74
CA VAL A 3 -15.49 13.77 -7.45
C VAL A 3 -14.86 12.37 -7.18
N ALA A 4 -13.93 12.27 -6.22
CA ALA A 4 -13.28 10.99 -5.91
C ALA A 4 -14.05 10.13 -4.88
N LEU A 5 -14.08 8.81 -5.10
CA LEU A 5 -14.51 7.85 -4.08
C LEU A 5 -13.29 6.99 -3.78
N ILE A 6 -12.64 7.28 -2.65
CA ILE A 6 -11.48 6.50 -2.14
C ILE A 6 -12.02 5.31 -1.37
N VAL A 7 -11.79 4.11 -1.90
CA VAL A 7 -12.27 2.87 -1.28
C VAL A 7 -11.11 2.23 -0.48
N GLY A 8 -11.17 2.44 0.84
CA GLY A 8 -10.09 2.10 1.76
C GLY A 8 -9.34 3.31 2.26
N VAL A 9 -10.05 4.34 2.70
CA VAL A 9 -9.45 5.62 3.05
C VAL A 9 -8.55 5.61 4.31
N THR A 10 -8.77 4.63 5.17
CA THR A 10 -7.96 4.47 6.39
C THR A 10 -6.65 3.69 6.17
N GLY A 11 -6.49 3.10 4.99
CA GLY A 11 -5.27 2.41 4.63
C GLY A 11 -4.19 3.40 4.26
N ILE A 12 -3.00 2.86 3.94
CA ILE A 12 -1.82 3.65 3.68
C ILE A 12 -1.95 4.46 2.42
N ILE A 13 -2.50 3.86 1.36
CA ILE A 13 -2.65 4.61 0.11
C ILE A 13 -3.88 5.50 0.15
N GLY A 14 -4.93 4.96 0.76
CA GLY A 14 -6.15 5.73 1.01
C GLY A 14 -5.80 7.04 1.67
N ASN A 15 -4.94 6.98 2.69
CA ASN A 15 -4.58 8.17 3.44
C ASN A 15 -3.82 9.23 2.59
N SER A 16 -2.85 8.79 1.78
CA SER A 16 -2.16 9.65 0.85
C SER A 16 -3.14 10.29 -0.13
N LEU A 17 -4.04 9.49 -0.69
CA LEU A 17 -5.06 10.05 -1.60
C LEU A 17 -5.87 11.08 -0.85
N ALA A 18 -6.25 10.75 0.39
CA ALA A 18 -7.07 11.62 1.24
C ALA A 18 -6.46 13.02 1.47
N GLU A 19 -5.13 13.07 1.64
CA GLU A 19 -4.42 14.30 1.89
C GLU A 19 -4.13 15.09 0.63
N ILE A 20 -3.97 14.41 -0.50
CA ILE A 20 -3.40 15.04 -1.69
C ILE A 20 -4.51 15.55 -2.58
N LEU A 21 -5.46 14.68 -2.87
CA LEU A 21 -6.62 15.07 -3.66
C LEU A 21 -7.23 16.48 -3.41
N PRO A 22 -7.57 16.84 -2.15
CA PRO A 22 -8.24 18.13 -1.90
C PRO A 22 -7.36 19.39 -2.05
N LEU A 23 -6.05 19.21 -2.14
CA LEU A 23 -5.10 20.32 -2.24
C LEU A 23 -5.35 21.17 -3.48
N ALA A 24 -5.02 22.45 -3.40
CA ALA A 24 -5.43 23.39 -4.43
C ALA A 24 -4.79 23.13 -5.81
N ASP A 25 -3.56 22.67 -5.82
CA ASP A 25 -2.80 22.54 -7.06
C ASP A 25 -2.85 21.10 -7.65
N THR A 26 -3.68 20.25 -7.06
CA THR A 26 -3.73 18.85 -7.49
C THR A 26 -4.43 18.68 -8.85
N PRO A 27 -3.76 17.98 -9.79
CA PRO A 27 -4.34 17.77 -11.12
C PRO A 27 -5.74 17.13 -11.09
N GLY A 28 -6.66 17.67 -11.87
CA GLY A 28 -8.07 17.28 -11.86
C GLY A 28 -8.91 18.15 -10.92
N GLY A 29 -8.25 19.14 -10.32
CA GLY A 29 -8.81 19.85 -9.19
C GLY A 29 -9.71 21.01 -9.63
N PRO A 30 -10.54 21.52 -8.72
CA PRO A 30 -10.62 21.12 -7.32
C PRO A 30 -11.47 19.86 -7.11
N TRP A 31 -11.02 18.98 -6.21
CA TRP A 31 -11.72 17.72 -5.92
C TRP A 31 -12.62 17.77 -4.71
N LYS A 32 -13.85 17.32 -4.90
CA LYS A 32 -14.68 16.80 -3.81
C LYS A 32 -14.25 15.36 -3.60
N VAL A 33 -14.19 14.90 -2.35
CA VAL A 33 -13.77 13.53 -2.11
C VAL A 33 -14.60 12.82 -1.03
N TYR A 34 -14.94 11.56 -1.31
CA TYR A 34 -15.52 10.64 -0.35
C TYR A 34 -14.42 9.67 0.08
N GLY A 35 -14.35 9.35 1.36
CA GLY A 35 -13.47 8.28 1.86
C GLY A 35 -14.29 7.16 2.49
N VAL A 36 -14.14 5.94 2.00
CA VAL A 36 -14.87 4.83 2.59
C VAL A 36 -13.98 3.81 3.32
N ALA A 37 -14.48 3.34 4.46
CA ALA A 37 -13.81 2.33 5.28
C ALA A 37 -14.78 1.65 6.23
N ARG A 38 -14.31 0.54 6.82
CA ARG A 38 -15.14 -0.26 7.69
C ARG A 38 -15.28 0.40 9.07
N ARG A 39 -14.23 1.06 9.56
CA ARG A 39 -14.24 1.62 10.92
C ARG A 39 -15.14 2.86 11.05
N THR A 40 -15.49 3.19 12.30
CA THR A 40 -16.41 4.28 12.63
C THR A 40 -15.70 5.62 12.47
N ARG A 41 -15.90 6.53 13.43
CA ARG A 41 -14.92 7.59 13.71
C ARG A 41 -14.57 8.34 12.41
N PRO A 42 -13.36 8.92 12.29
CA PRO A 42 -12.39 9.46 13.26
C PRO A 42 -12.51 10.99 13.40
N ASN A 48 -12.02 19.07 8.35
CA ASN A 48 -11.45 18.15 7.39
C ASN A 48 -12.29 18.17 6.13
N PRO A 49 -11.65 18.29 4.95
CA PRO A 49 -12.38 18.35 3.68
C PRO A 49 -13.10 17.08 3.20
N ILE A 50 -12.75 15.88 3.71
CA ILE A 50 -13.30 14.67 3.10
C ILE A 50 -14.61 14.20 3.73
N ASN A 51 -15.45 13.66 2.86
CA ASN A 51 -16.77 13.19 3.23
C ASN A 51 -16.64 11.72 3.55
N TYR A 52 -16.68 11.38 4.83
CA TYR A 52 -16.45 10.01 5.27
C TYR A 52 -17.72 9.18 5.18
N VAL A 53 -17.59 7.97 4.66
CA VAL A 53 -18.67 6.98 4.61
C VAL A 53 -18.22 5.69 5.28
N GLN A 54 -18.93 5.29 6.33
CA GLN A 54 -18.72 3.99 6.98
C GLN A 54 -19.42 2.91 6.18
N CYS A 55 -18.62 2.02 5.59
CA CYS A 55 -19.17 0.94 4.78
C CYS A 55 -18.26 -0.28 4.81
N ASP A 56 -18.90 -1.45 4.96
CA ASP A 56 -18.25 -2.74 4.78
C ASP A 56 -18.50 -3.22 3.36
N ILE A 57 -17.45 -3.13 2.56
CA ILE A 57 -17.48 -3.44 1.14
C ILE A 57 -17.89 -4.88 0.84
N SER A 58 -17.50 -5.79 1.75
CA SER A 58 -17.79 -7.23 1.59
C SER A 58 -19.24 -7.62 1.94
N ASP A 59 -20.05 -6.63 2.36
CA ASP A 59 -21.47 -6.82 2.60
C ASP A 59 -22.29 -6.19 1.46
N PRO A 60 -22.95 -7.10 0.63
CA PRO A 60 -23.68 -6.54 -0.51
C PRO A 60 -24.74 -5.48 -0.13
N ASP A 61 -25.40 -5.72 1.13
CA ASP A 61 -26.43 -4.72 1.51
C ASP A 61 -25.84 -3.37 1.91
N ASP A 62 -24.79 -3.42 2.73
CA ASP A 62 -24.20 -2.20 3.27
C ASP A 62 -23.53 -1.37 2.18
N SER A 63 -23.05 -2.04 1.12
CA SER A 63 -22.43 -1.30 0.01
C SER A 63 -23.56 -0.66 -0.81
N GLN A 64 -24.60 -1.43 -1.09
CA GLN A 64 -25.78 -0.87 -1.75
C GLN A 64 -26.35 0.36 -0.99
N ALA A 65 -26.50 0.23 0.34
CA ALA A 65 -27.05 1.34 1.13
C ALA A 65 -26.14 2.60 1.14
N LYS A 66 -24.83 2.39 1.24
CA LYS A 66 -23.92 3.50 1.54
C LYS A 66 -23.38 4.22 0.30
N LEU A 67 -23.20 3.47 -0.79
CA LEU A 67 -22.56 3.97 -1.99
C LEU A 67 -23.55 4.43 -3.07
N SER A 68 -24.75 3.83 -3.11
CA SER A 68 -25.76 4.23 -4.10
C SER A 68 -26.13 5.72 -4.04
N PRO A 69 -26.28 6.25 -2.81
CA PRO A 69 -26.62 7.67 -2.71
C PRO A 69 -25.54 8.62 -3.17
N LEU A 70 -24.30 8.13 -3.34
CA LEU A 70 -23.15 8.97 -3.73
C LEU A 70 -23.18 9.28 -5.23
N THR A 71 -24.29 9.91 -5.61
CA THR A 71 -24.69 10.18 -6.97
C THR A 71 -23.66 10.82 -7.88
N ASP A 72 -22.77 11.62 -7.31
CA ASP A 72 -21.95 12.55 -8.08
C ASP A 72 -20.53 12.09 -8.35
N VAL A 73 -20.14 10.90 -7.89
CA VAL A 73 -18.75 10.49 -8.01
C VAL A 73 -18.37 10.29 -9.49
N THR A 74 -17.16 10.71 -9.84
CA THR A 74 -16.66 10.57 -11.21
C THR A 74 -15.47 9.61 -11.31
N HIS A 75 -14.69 9.48 -10.23
CA HIS A 75 -13.56 8.59 -10.21
C HIS A 75 -13.54 7.79 -8.93
N VAL A 76 -13.41 6.47 -9.07
CA VAL A 76 -13.19 5.60 -7.91
C VAL A 76 -11.74 5.12 -7.88
N PHE A 77 -11.18 5.12 -6.67
CA PHE A 77 -9.82 4.62 -6.42
C PHE A 77 -9.91 3.39 -5.52
N TYR A 78 -9.72 2.21 -6.10
CA TYR A 78 -9.88 0.96 -5.33
C TYR A 78 -8.56 0.53 -4.68
N VAL A 79 -8.50 0.69 -3.35
CA VAL A 79 -7.26 0.52 -2.58
C VAL A 79 -7.49 -0.27 -1.25
N THR A 80 -8.41 -1.25 -1.29
CA THR A 80 -8.71 -2.15 -0.17
C THR A 80 -8.38 -3.61 -0.54
N TRP A 81 -8.02 -4.43 0.43
CA TRP A 81 -7.78 -5.85 0.16
C TRP A 81 -8.01 -6.71 1.39
N ALA A 82 -8.77 -7.79 1.21
CA ALA A 82 -8.86 -8.86 2.21
C ALA A 82 -7.56 -9.65 2.10
N ASN A 83 -7.00 -10.05 3.23
CA ASN A 83 -5.83 -10.94 3.24
C ASN A 83 -6.19 -12.21 3.95
N ARG A 84 -6.21 -13.32 3.22
CA ARG A 84 -6.70 -14.60 3.73
C ARG A 84 -5.62 -15.68 3.77
N SER A 85 -5.91 -16.78 4.46
CA SER A 85 -4.96 -17.87 4.65
C SER A 85 -4.60 -18.58 3.35
N THR A 86 -5.54 -18.59 2.39
CA THR A 86 -5.32 -19.24 1.10
C THR A 86 -5.67 -18.32 -0.04
N GLU A 87 -5.03 -18.55 -1.19
CA GLU A 87 -5.21 -17.71 -2.37
C GLU A 87 -6.60 -17.88 -2.98
N GLN A 88 -7.16 -19.08 -2.87
CA GLN A 88 -8.50 -19.34 -3.37
C GLN A 88 -9.49 -18.49 -2.59
N GLU A 89 -9.29 -18.40 -1.27
CA GLU A 89 -10.08 -17.51 -0.43
C GLU A 89 -9.83 -16.02 -0.74
N ASN A 90 -8.59 -15.66 -1.05
CA ASN A 90 -8.32 -14.28 -1.47
C ASN A 90 -9.16 -13.84 -2.67
N CYS A 91 -9.41 -14.78 -3.58
CA CYS A 91 -10.25 -14.55 -4.77
C CYS A 91 -11.73 -14.39 -4.45
N GLU A 92 -12.30 -15.36 -3.74
CA GLU A 92 -13.70 -15.30 -3.31
C GLU A 92 -13.96 -13.98 -2.56
N ALA A 93 -13.05 -13.63 -1.65
CA ALA A 93 -13.22 -12.49 -0.76
C ALA A 93 -13.06 -11.19 -1.52
N ASN A 94 -11.95 -11.05 -2.23
CA ASN A 94 -11.64 -9.79 -2.90
C ASN A 94 -12.53 -9.48 -4.10
N SER A 95 -12.90 -10.50 -4.85
CA SER A 95 -13.84 -10.35 -5.96
C SER A 95 -15.18 -9.84 -5.47
N LYS A 96 -15.74 -10.54 -4.48
CA LYS A 96 -17.02 -10.16 -3.85
C LYS A 96 -17.02 -8.68 -3.48
N MET A 97 -15.91 -8.20 -2.90
CA MET A 97 -15.81 -6.82 -2.43
C MET A 97 -15.83 -5.86 -3.61
N PHE A 98 -14.95 -6.11 -4.58
CA PHE A 98 -14.85 -5.31 -5.80
C PHE A 98 -16.18 -5.22 -6.54
N ARG A 99 -16.82 -6.37 -6.77
CA ARG A 99 -18.14 -6.44 -7.40
C ARG A 99 -19.17 -5.62 -6.65
N ASN A 100 -19.18 -5.75 -5.33
CA ASN A 100 -20.15 -5.03 -4.50
C ASN A 100 -20.02 -3.51 -4.68
N VAL A 101 -18.80 -3.00 -4.86
CA VAL A 101 -18.66 -1.56 -5.03
C VAL A 101 -19.07 -1.14 -6.44
N LEU A 102 -18.58 -1.85 -7.45
CA LEU A 102 -18.91 -1.51 -8.85
C LEU A 102 -20.42 -1.66 -9.15
N ASP A 103 -21.07 -2.61 -8.48
CA ASP A 103 -22.51 -2.79 -8.69
C ASP A 103 -23.35 -1.71 -8.00
N ALA A 104 -22.75 -1.01 -7.02
CA ALA A 104 -23.43 0.06 -6.28
C ALA A 104 -23.17 1.41 -6.93
N VAL A 105 -22.03 1.51 -7.62
CA VAL A 105 -21.56 2.78 -8.18
C VAL A 105 -21.98 2.94 -9.64
N ILE A 106 -21.62 1.97 -10.48
CA ILE A 106 -21.81 2.10 -11.93
C ILE A 106 -23.26 2.40 -12.28
N PRO A 107 -24.20 1.63 -11.74
CA PRO A 107 -25.58 2.00 -12.10
C PRO A 107 -26.05 3.39 -11.65
N ASN A 108 -25.48 3.93 -10.57
CA ASN A 108 -26.08 5.12 -9.93
C ASN A 108 -25.30 6.41 -10.16
N CYS A 109 -24.16 6.33 -10.86
CA CYS A 109 -23.31 7.49 -11.12
C CYS A 109 -23.22 7.76 -12.61
N PRO A 110 -24.07 8.69 -13.11
CA PRO A 110 -24.10 9.00 -14.53
C PRO A 110 -22.87 9.78 -15.04
N ASN A 111 -22.01 10.27 -14.14
CA ASN A 111 -20.82 10.98 -14.55
C ASN A 111 -19.57 10.20 -14.15
N LEU A 112 -19.72 8.88 -14.01
CA LEU A 112 -18.58 8.03 -13.69
C LEU A 112 -17.66 8.01 -14.91
N LYS A 113 -16.43 8.44 -14.72
CA LYS A 113 -15.46 8.53 -15.83
C LYS A 113 -14.43 7.40 -15.78
N HIS A 114 -14.04 6.95 -14.59
CA HIS A 114 -12.82 6.12 -14.45
C HIS A 114 -12.78 5.31 -13.16
N ILE A 115 -12.53 4.01 -13.25
CA ILE A 115 -12.20 3.27 -12.04
C ILE A 115 -10.69 2.94 -12.07
N SER A 116 -10.00 3.23 -10.97
CA SER A 116 -8.56 3.02 -10.82
C SER A 116 -8.38 1.90 -9.81
N LEU A 117 -7.76 0.80 -10.24
CA LEU A 117 -7.61 -0.41 -9.43
C LEU A 117 -6.16 -0.58 -8.99
N GLN A 118 -5.89 -0.67 -7.69
CA GLN A 118 -4.53 -1.00 -7.20
C GLN A 118 -4.38 -2.49 -6.89
N THR A 119 -3.37 -3.12 -7.49
CA THR A 119 -3.02 -4.48 -7.16
C THR A 119 -1.59 -4.51 -6.58
N GLY A 120 -0.64 -5.18 -7.23
CA GLY A 120 0.75 -5.17 -6.78
C GLY A 120 1.70 -6.01 -7.62
N ARG A 121 2.99 -5.96 -7.28
CA ARG A 121 4.04 -6.67 -8.00
C ARG A 121 3.87 -8.20 -8.01
N LYS A 122 3.07 -8.73 -7.09
CA LYS A 122 2.79 -10.18 -7.12
C LYS A 122 2.01 -10.67 -8.34
N HIS A 123 1.56 -9.73 -9.17
CA HIS A 123 1.12 -10.01 -10.55
C HIS A 123 2.14 -10.85 -11.31
N TYR A 124 3.41 -10.50 -11.12
CA TYR A 124 4.52 -11.13 -11.84
C TYR A 124 5.12 -12.34 -11.15
N MET A 125 4.74 -12.57 -9.89
CA MET A 125 5.37 -13.62 -9.05
C MET A 125 4.51 -14.83 -8.75
N GLY A 126 5.03 -15.99 -9.11
CA GLY A 126 4.40 -17.28 -8.78
C GLY A 126 4.64 -17.78 -7.36
N PRO A 127 3.94 -18.86 -6.98
CA PRO A 127 4.04 -19.46 -5.64
C PRO A 127 5.42 -20.05 -5.29
N PHE A 128 5.81 -21.16 -5.92
CA PHE A 128 7.05 -21.82 -5.57
C PHE A 128 6.97 -22.86 -4.44
N GLU A 129 6.78 -24.17 -4.71
CA GLU A 129 6.40 -24.83 -5.98
C GLU A 129 7.11 -26.19 -6.03
N ILE A 134 9.65 -23.41 -15.50
CA ILE A 134 9.41 -22.54 -14.35
C ILE A 134 8.14 -22.95 -13.59
N GLU A 135 7.11 -22.10 -13.62
CA GLU A 135 6.95 -21.01 -14.60
C GLU A 135 7.15 -19.64 -13.97
N SER A 136 7.86 -18.74 -14.64
CA SER A 136 8.18 -17.45 -14.04
C SER A 136 8.56 -16.36 -15.05
N HIS A 137 8.79 -15.15 -14.54
CA HIS A 137 9.22 -14.00 -15.36
C HIS A 137 10.57 -13.49 -14.90
N ASP A 138 11.34 -12.94 -15.83
CA ASP A 138 12.66 -12.40 -15.50
C ASP A 138 12.59 -10.89 -15.20
N PRO A 139 13.10 -10.46 -14.03
CA PRO A 139 13.14 -9.03 -13.77
C PRO A 139 14.15 -8.30 -14.67
N PRO A 140 14.02 -6.97 -14.78
CA PRO A 140 12.98 -6.14 -14.20
C PRO A 140 11.58 -6.36 -14.82
N TYR A 141 10.57 -6.42 -13.97
CA TYR A 141 9.24 -6.75 -14.43
C TYR A 141 8.61 -5.67 -15.31
N THR A 142 7.96 -6.15 -16.36
CA THR A 142 7.32 -5.37 -17.40
C THR A 142 5.80 -5.69 -17.45
N GLU A 143 5.02 -4.76 -17.97
CA GLU A 143 3.59 -4.79 -17.75
C GLU A 143 2.80 -5.72 -18.62
N ASP A 144 3.21 -5.93 -19.86
CA ASP A 144 2.25 -6.53 -20.79
C ASP A 144 2.63 -7.95 -21.22
N LEU A 145 3.80 -8.40 -20.77
CA LEU A 145 4.17 -9.81 -20.86
C LEU A 145 3.11 -10.70 -20.16
N PRO A 146 2.82 -11.88 -20.73
CA PRO A 146 1.67 -12.70 -20.34
C PRO A 146 1.57 -13.04 -18.86
N ARG A 147 0.36 -13.40 -18.44
CA ARG A 147 0.10 -13.78 -17.04
C ARG A 147 0.66 -15.16 -16.73
N LEU A 148 1.22 -15.31 -15.54
CA LEU A 148 1.68 -16.63 -15.06
C LEU A 148 0.49 -17.61 -14.86
N LYS A 149 0.72 -18.91 -15.07
CA LYS A 149 -0.36 -19.88 -15.08
C LYS A 149 -0.98 -20.16 -13.69
N TYR A 150 -0.51 -19.48 -12.65
CA TYR A 150 -0.94 -19.75 -11.29
C TYR A 150 -2.10 -18.86 -10.87
N MET A 151 -2.85 -19.30 -9.87
CA MET A 151 -4.06 -18.61 -9.39
C MET A 151 -3.65 -17.32 -8.71
N ASN A 152 -4.40 -16.24 -8.94
CA ASN A 152 -3.95 -14.90 -8.52
C ASN A 152 -5.12 -13.92 -8.52
N PHE A 153 -5.50 -13.45 -7.34
CA PHE A 153 -6.75 -12.69 -7.18
C PHE A 153 -6.66 -11.32 -7.84
N TYR A 154 -5.45 -10.88 -8.13
CA TYR A 154 -5.24 -9.70 -8.94
C TYR A 154 -5.84 -9.91 -10.32
N TYR A 155 -5.55 -11.07 -10.92
CA TYR A 155 -6.03 -11.39 -12.26
C TYR A 155 -7.55 -11.38 -12.27
N ASP A 156 -8.13 -12.05 -11.27
CA ASP A 156 -9.58 -12.07 -11.10
C ASP A 156 -10.15 -10.64 -10.98
N LEU A 157 -9.51 -9.77 -10.22
CA LEU A 157 -10.04 -8.41 -10.06
C LEU A 157 -10.03 -7.65 -11.38
N GLU A 158 -8.95 -7.80 -12.15
CA GLU A 158 -8.80 -7.13 -13.44
C GLU A 158 -9.91 -7.55 -14.40
N ASP A 159 -10.19 -8.85 -14.44
CA ASP A 159 -11.19 -9.40 -15.34
C ASP A 159 -12.59 -8.89 -15.00
N ILE A 160 -12.91 -8.83 -13.71
CA ILE A 160 -14.15 -8.20 -13.25
C ILE A 160 -14.20 -6.75 -13.73
N MET A 161 -13.17 -5.99 -13.41
CA MET A 161 -13.11 -4.60 -13.83
C MET A 161 -13.41 -4.50 -15.31
N LEU A 162 -12.65 -5.27 -16.11
CA LEU A 162 -12.75 -5.25 -17.57
C LEU A 162 -14.16 -5.59 -18.05
N GLU A 163 -14.75 -6.63 -17.47
CA GLU A 163 -16.13 -7.02 -17.78
C GLU A 163 -17.13 -5.90 -17.45
N GLU A 164 -17.01 -5.33 -16.25
CA GLU A 164 -17.91 -4.27 -15.81
C GLU A 164 -17.74 -2.94 -16.57
N VAL A 165 -16.59 -2.74 -17.21
CA VAL A 165 -16.38 -1.51 -17.98
C VAL A 165 -17.20 -1.53 -19.28
N GLU A 166 -17.60 -2.71 -19.76
CA GLU A 166 -18.38 -2.82 -20.99
C GLU A 166 -19.80 -2.28 -20.80
N LYS A 167 -20.34 -2.42 -19.59
CA LYS A 167 -21.72 -2.05 -19.28
C LYS A 167 -21.97 -0.54 -19.16
N LYS A 168 -20.95 0.26 -19.48
CA LYS A 168 -21.12 1.70 -19.63
C LYS A 168 -20.09 2.25 -20.64
N GLU A 169 -20.58 3.00 -21.62
CA GLU A 169 -19.74 3.65 -22.64
C GLU A 169 -18.82 4.74 -22.07
N GLY A 170 -17.65 4.89 -22.69
CA GLY A 170 -16.71 5.93 -22.29
C GLY A 170 -16.05 5.74 -20.93
N LEU A 171 -16.41 4.66 -20.23
CA LEU A 171 -15.85 4.37 -18.94
C LEU A 171 -14.46 3.75 -19.12
N THR A 172 -13.48 4.31 -18.43
CA THR A 172 -12.09 3.90 -18.61
C THR A 172 -11.61 3.25 -17.33
N TRP A 173 -10.43 2.64 -17.40
CA TRP A 173 -9.84 2.02 -16.24
C TRP A 173 -8.31 2.18 -16.26
N SER A 174 -7.70 1.92 -15.10
CA SER A 174 -6.26 1.89 -14.93
C SER A 174 -5.91 0.93 -13.78
N VAL A 175 -4.84 0.17 -13.96
CA VAL A 175 -4.34 -0.72 -12.92
C VAL A 175 -3.01 -0.17 -12.45
N HIS A 176 -2.78 -0.24 -11.15
CA HIS A 176 -1.59 0.29 -10.51
C HIS A 176 -0.91 -0.78 -9.65
N ARG A 177 0.32 -1.14 -9.99
CA ARG A 177 1.02 -2.27 -9.41
C ARG A 177 2.29 -1.89 -8.66
N PRO A 178 2.15 -1.42 -7.42
CA PRO A 178 3.34 -1.11 -6.61
C PRO A 178 4.10 -2.31 -6.10
N GLY A 179 5.34 -2.07 -5.67
CA GLY A 179 6.16 -3.03 -4.97
C GLY A 179 5.94 -2.84 -3.48
N ASN A 180 6.99 -2.89 -2.67
CA ASN A 180 6.82 -2.77 -1.22
C ASN A 180 6.54 -1.32 -0.86
N ILE A 181 5.48 -1.11 -0.07
CA ILE A 181 5.00 0.26 0.14
C ILE A 181 5.69 0.87 1.37
N PHE A 182 6.13 2.11 1.18
CA PHE A 182 6.64 2.94 2.26
C PHE A 182 5.65 4.08 2.44
N GLY A 183 4.99 4.10 3.60
CA GLY A 183 3.94 5.04 3.89
C GLY A 183 3.52 5.15 5.34
N PHE A 184 2.36 5.72 5.55
CA PHE A 184 1.78 5.86 6.87
C PHE A 184 0.27 5.97 6.80
N SER A 185 -0.40 5.33 7.75
CA SER A 185 -1.69 5.78 8.21
C SER A 185 -1.83 5.44 9.70
N PRO A 186 -2.69 6.19 10.42
CA PRO A 186 -2.83 6.01 11.86
C PRO A 186 -3.37 4.62 12.23
N TYR A 187 -4.19 4.04 11.36
CA TYR A 187 -4.80 2.73 11.56
C TYR A 187 -4.25 1.55 10.73
N SER A 188 -3.29 1.79 9.83
CA SER A 188 -2.77 0.73 8.97
C SER A 188 -2.44 -0.53 9.73
N MET A 189 -2.72 -1.66 9.10
CA MET A 189 -2.41 -2.95 9.64
C MET A 189 -1.42 -3.71 8.74
N MET A 190 -0.73 -2.96 7.89
CA MET A 190 0.23 -3.54 6.96
C MET A 190 1.36 -2.55 6.70
N ASN A 191 1.81 -1.89 7.76
CA ASN A 191 2.79 -0.81 7.61
C ASN A 191 4.21 -1.32 7.89
N LEU A 192 5.02 -1.47 6.84
CA LEU A 192 6.43 -1.85 6.96
C LEU A 192 7.23 -0.83 7.78
N VAL A 193 7.14 0.43 7.39
CA VAL A 193 7.91 1.48 8.05
C VAL A 193 7.53 1.59 9.52
N GLY A 194 6.22 1.63 9.81
CA GLY A 194 5.73 1.60 11.20
C GLY A 194 6.30 0.43 11.97
N THR A 195 6.20 -0.75 11.36
CA THR A 195 6.70 -1.96 11.99
C THR A 195 8.18 -1.87 12.37
N LEU A 196 9.00 -1.36 11.45
CA LEU A 196 10.40 -1.18 11.73
C LEU A 196 10.65 -0.09 12.79
N CYS A 197 9.73 0.88 12.87
CA CYS A 197 9.90 1.93 13.88
C CYS A 197 9.67 1.38 15.29
N VAL A 198 8.67 0.52 15.41
CA VAL A 198 8.31 -0.12 16.66
C VAL A 198 9.42 -1.09 17.09
N TYR A 199 10.03 -1.81 16.14
CA TYR A 199 11.19 -2.69 16.45
C TYR A 199 12.37 -1.87 16.97
N ALA A 200 12.69 -0.81 16.25
CA ALA A 200 13.73 0.16 16.63
C ALA A 200 13.45 0.73 18.01
N ALA A 201 12.21 1.18 18.23
CA ALA A 201 11.82 1.77 19.53
C ALA A 201 12.01 0.79 20.69
N ILE A 202 11.65 -0.47 20.46
CA ILE A 202 11.80 -1.49 21.48
C ILE A 202 13.27 -1.77 21.79
N CYS A 203 14.09 -1.90 20.77
CA CYS A 203 15.55 -2.00 20.93
C CYS A 203 16.13 -0.85 21.72
N LYS A 204 15.69 0.36 21.44
CA LYS A 204 16.18 1.52 22.18
C LYS A 204 15.78 1.40 23.65
N HIS A 205 14.51 1.06 23.89
CA HIS A 205 14.00 0.91 25.24
C HIS A 205 14.75 -0.13 26.07
N GLU A 206 15.13 -1.24 25.44
CA GLU A 206 15.75 -2.38 26.11
C GLU A 206 17.30 -2.26 26.13
N GLY A 207 17.81 -1.20 25.51
CA GLY A 207 19.25 -0.98 25.40
C GLY A 207 19.98 -2.01 24.53
N LYS A 208 19.32 -2.46 23.46
CA LYS A 208 19.85 -3.48 22.57
C LYS A 208 20.21 -2.90 21.19
N VAL A 209 21.06 -3.61 20.46
CA VAL A 209 21.45 -3.17 19.13
C VAL A 209 20.33 -3.54 18.14
N LEU A 210 20.17 -2.72 17.11
CA LEU A 210 19.20 -2.97 16.05
C LEU A 210 19.81 -4.05 15.17
N ARG A 211 19.63 -5.30 15.60
CA ARG A 211 20.09 -6.46 14.84
C ARG A 211 19.30 -6.60 13.54
N PHE A 212 20.01 -6.91 12.45
CA PHE A 212 19.38 -7.10 11.16
C PHE A 212 18.59 -8.39 11.08
N THR A 213 17.34 -8.25 10.69
CA THR A 213 16.38 -9.33 10.72
C THR A 213 15.98 -9.66 9.29
N GLY A 214 16.85 -10.36 8.58
CA GLY A 214 16.64 -10.58 7.14
C GLY A 214 17.74 -11.37 6.48
N CYS A 215 17.55 -11.63 5.18
CA CYS A 215 18.50 -12.40 4.37
C CYS A 215 19.57 -11.49 3.74
N LYS A 216 20.50 -12.14 3.05
CA LYS A 216 21.71 -11.52 2.53
C LYS A 216 21.40 -10.75 1.27
N ALA A 217 20.62 -11.37 0.39
CA ALA A 217 20.07 -10.70 -0.80
C ALA A 217 19.42 -9.36 -0.47
N ALA A 218 18.77 -9.26 0.69
CA ALA A 218 18.13 -8.01 1.14
C ALA A 218 19.14 -7.03 1.68
N TRP A 219 20.11 -7.52 2.44
CA TRP A 219 21.18 -6.70 3.00
C TRP A 219 22.04 -6.06 1.92
N ASP A 220 22.50 -6.89 0.99
CA ASP A 220 23.57 -6.58 0.03
C ASP A 220 23.11 -6.40 -1.42
N GLY A 221 21.94 -6.93 -1.77
CA GLY A 221 21.42 -6.79 -3.13
C GLY A 221 20.76 -5.43 -3.31
N TYR A 222 20.40 -5.12 -4.55
CA TYR A 222 19.59 -3.96 -4.86
C TYR A 222 18.11 -4.28 -4.53
N SER A 223 17.41 -3.28 -3.99
CA SER A 223 15.99 -3.37 -3.70
C SER A 223 15.39 -2.09 -4.20
N ASP A 224 14.07 -2.10 -4.41
CA ASP A 224 13.35 -0.82 -4.57
C ASP A 224 12.14 -0.83 -3.67
N CYS A 225 11.37 0.25 -3.75
CA CYS A 225 10.15 0.37 -3.01
C CYS A 225 9.28 1.41 -3.67
N SER A 226 8.06 1.53 -3.12
CA SER A 226 7.02 2.33 -3.70
C SER A 226 6.40 3.23 -2.64
N ASP A 227 6.62 4.53 -2.82
CA ASP A 227 6.17 5.56 -1.90
C ASP A 227 4.66 5.73 -1.93
N ALA A 228 4.07 5.88 -0.75
CA ALA A 228 2.60 5.98 -0.64
C ALA A 228 2.04 7.20 -1.37
N ASP A 229 2.75 8.34 -1.25
CA ASP A 229 2.35 9.61 -1.87
C ASP A 229 2.55 9.59 -3.39
N LEU A 230 3.67 9.03 -3.84
CA LEU A 230 3.88 8.84 -5.29
C LEU A 230 2.84 7.90 -5.91
N ILE A 231 2.44 6.89 -5.16
CA ILE A 231 1.41 5.98 -5.67
C ILE A 231 0.09 6.70 -5.81
N ALA A 232 -0.21 7.56 -4.85
CA ALA A 232 -1.37 8.44 -4.93
C ALA A 232 -1.29 9.35 -6.16
N GLU A 233 -0.13 9.94 -6.40
CA GLU A 233 0.06 10.80 -7.56
C GLU A 233 -0.11 10.03 -8.85
N HIS A 234 0.31 8.77 -8.84
CA HIS A 234 0.20 7.89 -10.00
C HIS A 234 -1.29 7.58 -10.34
N HIS A 235 -2.06 7.28 -9.31
CA HIS A 235 -3.52 7.14 -9.40
C HIS A 235 -4.16 8.40 -10.01
N ILE A 236 -3.81 9.55 -9.46
CA ILE A 236 -4.32 10.84 -9.90
C ILE A 236 -3.97 11.07 -11.38
N TRP A 237 -2.70 10.88 -11.72
CA TRP A 237 -2.22 10.97 -13.12
C TRP A 237 -3.12 10.19 -14.10
N ALA A 238 -3.43 8.94 -13.77
CA ALA A 238 -4.22 8.08 -14.64
C ALA A 238 -5.64 8.61 -14.74
N ALA A 239 -6.13 9.21 -13.65
CA ALA A 239 -7.48 9.84 -13.64
C ALA A 239 -7.57 10.92 -14.69
N VAL A 240 -6.51 11.72 -14.82
CA VAL A 240 -6.56 12.89 -15.69
C VAL A 240 -5.83 12.74 -17.06
N ASP A 241 -4.88 11.81 -17.20
CA ASP A 241 -4.08 11.74 -18.46
C ASP A 241 -4.69 10.81 -19.51
N PRO A 242 -4.97 11.32 -20.74
CA PRO A 242 -5.51 10.44 -21.79
C PRO A 242 -4.63 9.22 -22.13
N TYR A 243 -3.30 9.36 -21.97
CA TYR A 243 -2.32 8.31 -22.32
C TYR A 243 -2.21 7.28 -21.21
N ALA A 244 -2.90 7.55 -20.09
CA ALA A 244 -2.93 6.59 -19.01
C ALA A 244 -4.15 5.68 -19.07
N LYS A 245 -5.09 5.97 -19.97
CA LYS A 245 -6.36 5.26 -19.93
C LYS A 245 -6.28 3.84 -20.50
N ASN A 246 -6.98 2.90 -19.83
CA ASN A 246 -7.04 1.47 -20.21
C ASN A 246 -5.67 0.79 -20.31
N GLU A 247 -4.82 1.17 -19.35
CA GLU A 247 -3.47 0.65 -19.24
C GLU A 247 -3.16 0.19 -17.80
N ALA A 248 -2.35 -0.88 -17.69
CA ALA A 248 -1.75 -1.27 -16.41
C ALA A 248 -0.34 -0.67 -16.32
N PHE A 249 0.04 -0.30 -15.09
CA PHE A 249 1.30 0.37 -14.81
C PHE A 249 1.88 -0.07 -13.46
N ASN A 250 3.18 -0.32 -13.49
CA ASN A 250 4.04 -0.39 -12.31
C ASN A 250 4.18 1.03 -11.70
N VAL A 251 4.32 1.12 -10.37
CA VAL A 251 4.73 2.35 -9.67
C VAL A 251 5.84 2.04 -8.68
N SER A 252 7.03 2.54 -8.95
CA SER A 252 8.15 2.43 -8.00
C SER A 252 8.88 3.76 -8.06
N ASN A 253 9.85 3.93 -7.18
CA ASN A 253 10.39 5.25 -6.83
C ASN A 253 11.40 5.89 -7.80
N GLY A 254 11.99 5.11 -8.70
CA GLY A 254 12.88 5.64 -9.72
C GLY A 254 14.32 5.45 -9.35
N ASP A 255 14.55 4.80 -8.22
CA ASP A 255 15.87 4.58 -7.75
C ASP A 255 15.94 3.24 -7.05
N VAL A 256 17.15 2.97 -6.55
CA VAL A 256 17.50 1.70 -5.97
C VAL A 256 18.29 1.93 -4.66
N PHE A 257 18.22 0.95 -3.76
CA PHE A 257 18.83 1.06 -2.43
C PHE A 257 19.22 -0.32 -1.94
N LYS A 258 20.02 -0.32 -0.87
CA LYS A 258 20.38 -1.53 -0.14
C LYS A 258 19.96 -1.42 1.32
N TRP A 259 19.37 -2.48 1.86
CA TRP A 259 19.02 -2.47 3.28
C TRP A 259 20.23 -2.24 4.20
N LYS A 260 21.39 -2.76 3.82
CA LYS A 260 22.64 -2.42 4.49
C LYS A 260 22.67 -0.93 4.92
N HIS A 261 22.33 -0.05 3.98
CA HIS A 261 22.31 1.39 4.25
C HIS A 261 21.04 1.90 4.90
N PHE A 262 19.89 1.32 4.56
CA PHE A 262 18.65 1.76 5.19
C PHE A 262 18.60 1.38 6.67
N TRP A 263 19.27 0.29 7.02
CA TRP A 263 19.36 -0.12 8.42
C TRP A 263 20.11 0.90 9.28
N LYS A 264 21.20 1.43 8.74
CA LYS A 264 21.90 2.49 9.42
C LYS A 264 21.06 3.76 9.55
N VAL A 265 20.24 4.05 8.54
CA VAL A 265 19.39 5.23 8.60
C VAL A 265 18.34 5.10 9.71
N LEU A 266 17.68 3.93 9.77
CA LEU A 266 16.75 3.58 10.84
C LEU A 266 17.43 3.61 12.22
N ALA A 267 18.65 3.14 12.28
CA ALA A 267 19.43 3.16 13.53
C ALA A 267 19.64 4.59 14.01
N GLU A 268 20.06 5.43 13.07
CA GLU A 268 20.33 6.84 13.34
C GLU A 268 19.07 7.55 13.81
N GLN A 269 17.92 7.23 13.23
CA GLN A 269 16.66 7.90 13.58
C GLN A 269 16.17 7.56 14.99
N PHE A 270 16.63 6.46 15.57
CA PHE A 270 16.27 6.11 16.93
C PHE A 270 17.43 6.16 17.93
N GLY A 271 18.63 6.49 17.46
CA GLY A 271 19.79 6.64 18.36
C GLY A 271 20.20 5.32 18.99
N VAL A 272 20.09 4.26 18.19
CA VAL A 272 20.30 2.88 18.59
C VAL A 272 21.45 2.33 17.74
N GLU A 273 22.21 1.39 18.30
CA GLU A 273 23.39 0.82 17.64
C GLU A 273 22.94 -0.01 16.45
N CYS A 274 23.52 0.24 15.30
CA CYS A 274 23.20 -0.55 14.10
C CYS A 274 23.90 -1.91 14.07
N GLY A 275 23.13 -2.96 13.86
CA GLY A 275 23.68 -4.30 13.65
C GLY A 275 24.17 -4.48 12.23
N GLU A 276 24.91 -5.56 12.00
CA GLU A 276 25.45 -5.88 10.68
C GLU A 276 24.90 -7.24 10.27
N TYR A 277 25.09 -7.63 9.03
CA TYR A 277 24.63 -8.95 8.60
C TYR A 277 25.37 -10.10 9.37
N GLU A 278 24.59 -10.86 10.14
CA GLU A 278 25.07 -12.03 10.85
C GLU A 278 24.94 -13.26 9.95
N GLU A 279 26.07 -13.85 9.56
CA GLU A 279 26.00 -15.09 8.81
C GLU A 279 25.30 -16.12 9.69
N GLY A 280 24.73 -17.14 9.05
CA GLY A 280 24.46 -18.41 9.74
C GLY A 280 23.13 -18.53 10.44
N VAL A 281 22.08 -18.16 9.73
CA VAL A 281 20.74 -18.14 10.29
C VAL A 281 19.85 -17.66 9.15
N ASP A 282 18.63 -17.30 9.52
CA ASP A 282 17.93 -16.20 8.90
C ASP A 282 17.06 -15.72 10.07
N LEU A 283 17.34 -14.50 10.49
CA LEU A 283 16.82 -13.93 11.73
C LEU A 283 15.44 -13.28 11.46
N LYS A 284 14.45 -13.63 12.28
CA LYS A 284 13.05 -13.24 12.07
C LYS A 284 12.57 -12.25 13.15
N LEU A 285 11.80 -11.24 12.72
CA LEU A 285 11.14 -10.31 13.64
C LEU A 285 10.12 -11.02 14.56
N GLN A 286 9.37 -11.99 14.03
CA GLN A 286 8.32 -12.65 14.83
C GLN A 286 8.93 -13.27 16.06
N ASP A 287 10.11 -13.86 15.86
CA ASP A 287 10.84 -14.55 16.92
C ASP A 287 11.43 -13.55 17.94
N LEU A 288 12.24 -12.60 17.47
CA LEU A 288 12.80 -11.58 18.36
C LEU A 288 11.75 -10.79 19.17
N MET A 289 10.57 -10.57 18.60
CA MET A 289 9.55 -9.75 19.29
C MET A 289 8.46 -10.57 20.02
N LYS A 290 8.64 -11.89 20.10
CA LYS A 290 7.74 -12.75 20.90
C LYS A 290 7.76 -12.32 22.36
N GLY A 291 6.57 -12.06 22.91
CA GLY A 291 6.42 -11.69 24.32
C GLY A 291 6.70 -10.24 24.67
N LYS A 292 6.86 -9.38 23.67
CA LYS A 292 7.15 -7.96 23.91
C LYS A 292 5.90 -7.09 24.15
N GLU A 293 4.71 -7.67 24.20
CA GLU A 293 3.48 -6.92 24.43
C GLU A 293 3.55 -6.01 25.67
N PRO A 294 4.00 -6.53 26.82
CA PRO A 294 4.14 -5.66 28.01
C PRO A 294 5.19 -4.55 27.88
N VAL A 295 6.34 -4.87 27.27
CA VAL A 295 7.40 -3.91 27.04
C VAL A 295 6.92 -2.74 26.17
N TRP A 296 6.13 -3.05 25.17
CA TRP A 296 5.58 -2.01 24.32
C TRP A 296 4.62 -1.11 25.12
N GLU A 297 3.77 -1.71 25.96
CA GLU A 297 2.82 -0.90 26.74
C GLU A 297 3.53 0.09 27.68
N GLU A 298 4.62 -0.34 28.29
CA GLU A 298 5.49 0.51 29.08
C GLU A 298 6.07 1.68 28.26
N ILE A 299 6.52 1.40 27.05
CA ILE A 299 7.02 2.47 26.17
C ILE A 299 5.92 3.47 25.85
N VAL A 300 4.71 2.97 25.60
CA VAL A 300 3.56 3.83 25.31
C VAL A 300 3.23 4.68 26.55
N ARG A 301 3.25 4.08 27.73
CA ARG A 301 3.00 4.82 28.97
C ARG A 301 4.11 5.82 29.31
N GLU A 302 5.36 5.36 29.38
CA GLU A 302 6.47 6.27 29.71
C GLU A 302 6.50 7.50 28.82
N ASN A 303 6.30 7.28 27.53
CA ASN A 303 6.21 8.39 26.59
C ASN A 303 4.71 8.63 26.41
N GLY A 304 4.27 9.72 25.87
CA GLY A 304 2.81 9.93 25.96
C GLY A 304 2.20 9.43 24.67
N LEU A 305 2.40 8.15 24.36
CA LEU A 305 2.10 7.68 23.00
C LEU A 305 0.63 7.39 22.74
N THR A 306 0.30 7.18 21.47
CA THR A 306 -1.02 6.70 21.10
C THR A 306 -1.14 5.31 21.72
N PRO A 307 -2.27 5.03 22.40
CA PRO A 307 -2.40 3.74 23.09
C PRO A 307 -2.59 2.59 22.13
N THR A 308 -1.52 1.90 21.79
CA THR A 308 -1.61 0.79 20.85
C THR A 308 -1.13 -0.53 21.47
N LYS A 309 -1.63 -1.63 20.89
CA LYS A 309 -1.18 -2.97 21.21
C LYS A 309 -0.17 -3.33 20.15
N LEU A 310 0.80 -4.16 20.54
CA LEU A 310 1.92 -4.51 19.68
C LEU A 310 1.46 -5.16 18.37
N LYS A 311 0.41 -5.95 18.45
CA LYS A 311 -0.05 -6.71 17.31
C LYS A 311 -0.62 -5.83 16.23
N ASP A 312 -1.00 -4.61 16.61
CA ASP A 312 -1.60 -3.66 15.67
C ASP A 312 -0.56 -2.74 15.07
N VAL A 313 0.57 -2.57 15.74
CA VAL A 313 1.63 -1.69 15.20
C VAL A 313 2.90 -2.41 14.79
N GLY A 314 3.15 -3.58 15.36
CA GLY A 314 4.33 -4.37 15.00
C GLY A 314 3.93 -5.55 14.17
N ILE A 315 3.87 -5.37 12.85
CA ILE A 315 3.36 -6.42 11.93
C ILE A 315 4.52 -7.30 11.43
N TRP A 316 4.97 -8.20 12.28
CA TRP A 316 6.29 -8.81 12.08
C TRP A 316 6.38 -9.73 10.87
N TRP A 317 5.35 -10.56 10.69
CA TRP A 317 5.28 -11.50 9.57
C TRP A 317 5.46 -10.74 8.25
N PHE A 318 4.87 -9.54 8.16
CA PHE A 318 5.00 -8.73 6.95
C PHE A 318 6.42 -8.23 6.74
N GLY A 319 7.01 -7.66 7.78
CA GLY A 319 8.37 -7.17 7.72
C GLY A 319 9.37 -8.27 7.37
N ASP A 320 9.15 -9.46 7.96
CA ASP A 320 9.98 -10.64 7.68
C ASP A 320 9.83 -11.12 6.25
N VAL A 321 8.61 -11.08 5.73
CA VAL A 321 8.37 -11.48 4.35
C VAL A 321 9.19 -10.57 3.43
N ILE A 322 9.32 -9.30 3.79
CA ILE A 322 10.05 -8.35 2.97
C ILE A 322 11.58 -8.44 3.20
N LEU A 323 12.03 -8.48 4.45
CA LEU A 323 13.48 -8.50 4.74
C LEU A 323 14.14 -9.89 4.58
N GLY A 324 13.34 -10.95 4.64
CA GLY A 324 13.85 -12.31 4.45
C GLY A 324 13.90 -12.85 3.03
N ASN A 325 13.59 -12.01 2.05
CA ASN A 325 13.62 -12.39 0.63
C ASN A 325 14.32 -11.36 -0.25
N GLU A 326 14.66 -11.80 -1.46
CA GLU A 326 15.34 -10.98 -2.42
C GLU A 326 14.30 -10.03 -3.02
N CYS A 327 14.70 -8.80 -3.31
CA CYS A 327 13.81 -7.88 -3.97
C CYS A 327 14.03 -7.94 -5.47
N PHE A 328 12.99 -8.32 -6.20
CA PHE A 328 13.05 -8.36 -7.66
C PHE A 328 12.54 -7.02 -8.18
N LEU A 329 13.36 -6.32 -8.97
CA LEU A 329 13.06 -4.93 -9.37
C LEU A 329 12.00 -4.86 -10.48
N ASP A 330 11.36 -3.70 -10.63
CA ASP A 330 10.38 -3.55 -11.72
C ASP A 330 10.91 -2.49 -12.67
N SER A 331 10.12 -2.19 -13.71
CA SER A 331 10.49 -1.14 -14.67
C SER A 331 9.48 -0.02 -14.69
N MET A 332 9.97 1.22 -14.66
CA MET A 332 9.12 2.39 -14.77
C MET A 332 9.05 2.95 -16.19
N ASN A 333 9.64 2.25 -17.14
CA ASN A 333 9.65 2.73 -18.51
C ASN A 333 8.29 3.11 -19.12
N LYS A 334 7.28 2.27 -18.89
CA LYS A 334 5.99 2.42 -19.51
C LYS A 334 5.29 3.62 -18.90
N SER A 335 5.45 3.78 -17.59
CA SER A 335 4.83 4.88 -16.86
C SER A 335 5.42 6.18 -17.44
N LYS A 336 6.73 6.25 -17.51
CA LYS A 336 7.45 7.39 -18.09
C LYS A 336 7.07 7.65 -19.55
N GLU A 337 7.10 6.57 -20.34
CA GLU A 337 6.68 6.65 -21.76
C GLU A 337 5.27 7.22 -21.91
N HIS A 338 4.37 6.83 -21.02
CA HIS A 338 2.97 7.29 -21.05
C HIS A 338 2.76 8.64 -20.33
N GLY A 339 3.87 9.22 -19.82
CA GLY A 339 3.90 10.62 -19.35
C GLY A 339 4.02 10.87 -17.86
N PHE A 340 4.13 9.81 -17.08
CA PHE A 340 4.33 9.96 -15.62
C PHE A 340 5.81 10.00 -15.26
N LEU A 341 6.29 11.20 -14.92
CA LEU A 341 7.69 11.43 -14.62
C LEU A 341 7.92 11.59 -13.12
N GLY A 342 6.93 11.21 -12.29
CA GLY A 342 7.10 11.28 -10.85
C GLY A 342 8.17 10.32 -10.35
N PHE A 343 8.86 10.74 -9.29
CA PHE A 343 9.87 9.94 -8.62
C PHE A 343 9.94 10.26 -7.13
N ARG A 344 10.69 9.47 -6.38
CA ARG A 344 11.11 9.84 -5.05
C ARG A 344 12.53 9.36 -4.76
N ASN A 345 13.22 10.12 -3.92
CA ASN A 345 14.50 9.73 -3.37
C ASN A 345 14.12 8.89 -2.16
N SER A 346 14.35 7.58 -2.27
CA SER A 346 13.85 6.62 -1.30
C SER A 346 14.45 6.79 0.10
N LYS A 347 15.75 7.12 0.22
CA LYS A 347 16.35 7.30 1.54
C LYS A 347 15.70 8.48 2.27
N ASN A 348 15.45 9.57 1.54
CA ASN A 348 14.82 10.74 2.14
C ASN A 348 13.36 10.46 2.50
N ALA A 349 12.68 9.71 1.65
CA ALA A 349 11.28 9.37 1.85
C ALA A 349 11.16 8.47 3.06
N PHE A 350 12.13 7.55 3.22
CA PHE A 350 12.15 6.64 4.36
C PHE A 350 12.25 7.45 5.67
N ILE A 351 13.20 8.38 5.73
CA ILE A 351 13.28 9.33 6.86
C ILE A 351 11.96 10.11 7.08
N SER A 352 11.33 10.51 5.98
CA SER A 352 10.12 11.27 6.09
C SER A 352 8.95 10.49 6.68
N TRP A 353 8.84 9.22 6.34
CA TRP A 353 7.79 8.37 6.88
C TRP A 353 8.08 7.93 8.33
N ILE A 354 9.35 7.82 8.69
CA ILE A 354 9.75 7.64 10.09
C ILE A 354 9.31 8.86 10.88
N ASP A 355 9.68 10.04 10.41
CA ASP A 355 9.24 11.24 11.06
C ASP A 355 7.72 11.27 11.25
N LYS A 356 6.97 10.77 10.28
CA LYS A 356 5.48 10.83 10.36
C LYS A 356 4.94 9.90 11.45
N ALA A 357 5.52 8.71 11.58
CA ALA A 357 5.24 7.80 12.71
C ALA A 357 5.46 8.45 14.08
N LYS A 358 6.55 9.21 14.20
CA LYS A 358 6.82 10.00 15.41
C LYS A 358 5.82 11.14 15.63
N ALA A 359 5.54 11.89 14.59
CA ALA A 359 4.63 13.03 14.71
C ALA A 359 3.23 12.63 15.19
N TYR A 360 2.83 11.39 14.90
CA TYR A 360 1.53 10.87 15.33
C TYR A 360 1.63 10.08 16.64
N LYS A 361 2.82 10.07 17.24
CA LYS A 361 3.08 9.41 18.50
C LYS A 361 2.71 7.96 18.46
N ILE A 362 3.06 7.31 17.36
CA ILE A 362 2.99 5.84 17.33
C ILE A 362 4.22 5.31 18.04
N VAL A 363 5.31 6.05 17.88
CA VAL A 363 6.60 5.59 18.31
C VAL A 363 7.26 6.86 18.88
N PRO A 364 8.20 6.75 19.87
CA PRO A 364 8.83 7.95 20.45
C PRO A 364 9.89 8.55 19.57
NA NA B . 7.54 11.21 0.50
#